data_2WSI
#
_entry.id   2WSI
#
_cell.length_a   101.871
_cell.length_b   36.861
_cell.length_c   79.231
_cell.angle_alpha   90.00
_cell.angle_beta   92.35
_cell.angle_gamma   90.00
#
_symmetry.space_group_name_H-M   'C 1 2 1'
#
loop_
_entity.id
_entity.type
_entity.pdbx_description
1 polymer 'FAD SYNTHETASE'
2 non-polymer 'SULFATE ION'
3 non-polymer 'FLAVIN-ADENINE DINUCLEOTIDE'
4 water water
#
_entity_poly.entity_id   1
_entity_poly.type   'polypeptide(L)'
_entity_poly.pdbx_seq_one_letter_code
;MQLSKAAEMCYEITNSYLHIDQKSQIIASTQEAIRLTRKYLLSEIFVRWSPLNGEISFSYNGGKDCQVLLLLYLSCLWEY
FFIKAQNSQFDFEFQSFPMQRLPTVFIDQEETFPTLENFVLETSERYCLSLYESQRQSGASVNMADAFRDFIKIYPETEA
IVIGIRHTDPFGEALKPIQRTDSNWPDFMRLQPLLHWDLTNIWSFLLYSNEPICGLYGKGFTSIGGINNSLPNPHLRKDS
NNPALHFEWEIIHAFGKDAEGERSSAINTSPISVVDKERFSKYHDNYYPGWYLVDDTLERAGRIKN
;
_entity_poly.pdbx_strand_id   A
#
loop_
_chem_comp.id
_chem_comp.type
_chem_comp.name
_chem_comp.formula
FAD non-polymer 'FLAVIN-ADENINE DINUCLEOTIDE' 'C27 H33 N9 O15 P2'
SO4 non-polymer 'SULFATE ION' 'O4 S -2'
#
# COMPACT_ATOMS: atom_id res chain seq x y z
N MET A 1 -11.99 11.62 4.91
CA MET A 1 -12.63 11.70 6.25
C MET A 1 -11.59 12.08 7.31
N GLN A 2 -12.05 12.54 8.48
CA GLN A 2 -11.14 12.85 9.57
C GLN A 2 -10.34 11.62 9.97
N LEU A 3 -9.15 11.87 10.52
CA LEU A 3 -8.21 10.77 10.82
C LEU A 3 -8.77 9.73 11.79
N SER A 4 -9.46 10.16 12.84
CA SER A 4 -10.02 9.19 13.78
C SER A 4 -11.00 8.25 13.09
N LYS A 5 -11.79 8.80 12.16
CA LYS A 5 -12.75 7.97 11.41
C LYS A 5 -12.07 7.04 10.45
N ALA A 6 -11.01 7.50 9.78
CA ALA A 6 -10.27 6.63 8.88
C ALA A 6 -9.64 5.51 9.68
N ALA A 7 -9.09 5.84 10.83
CA ALA A 7 -8.41 4.84 11.67
C ALA A 7 -9.42 3.79 12.15
N GLU A 8 -10.55 4.25 12.67
CA GLU A 8 -11.59 3.33 13.16
C GLU A 8 -12.15 2.45 12.02
N MET A 9 -12.36 3.06 10.85
CA MET A 9 -12.80 2.30 9.68
C MET A 9 -11.78 1.19 9.32
N CYS A 10 -10.50 1.54 9.24
CA CYS A 10 -9.48 0.55 8.86
C CYS A 10 -9.38 -0.54 9.94
N TYR A 11 -9.57 -0.14 11.19
CA TYR A 11 -9.62 -1.08 12.28
C TYR A 11 -10.74 -2.08 12.09
N GLU A 12 -11.92 -1.61 11.68
CA GLU A 12 -13.06 -2.52 11.47
C GLU A 12 -12.76 -3.45 10.32
N ILE A 13 -12.12 -2.93 9.28
CA ILE A 13 -11.83 -3.73 8.09
C ILE A 13 -10.89 -4.86 8.44
N THR A 14 -9.86 -4.52 9.18
CA THR A 14 -8.82 -5.47 9.49
C THR A 14 -9.40 -6.51 10.46
N ASN A 15 -10.12 -6.03 11.46
CA ASN A 15 -10.81 -6.91 12.42
C ASN A 15 -11.76 -7.87 11.70
N SER A 16 -12.52 -7.34 10.78
CA SER A 16 -13.43 -8.13 9.99
C SER A 16 -12.67 -9.21 9.18
N TYR A 17 -11.54 -8.83 8.59
CA TYR A 17 -10.77 -9.80 7.84
C TYR A 17 -10.28 -10.89 8.78
N LEU A 18 -9.87 -10.49 9.98
CA LEU A 18 -9.29 -11.46 10.93
C LEU A 18 -10.38 -12.38 11.46
N HIS A 19 -11.64 -12.04 11.23
CA HIS A 19 -12.74 -12.90 11.67
C HIS A 19 -13.31 -13.74 10.53
N ILE A 20 -12.70 -13.66 9.35
CA ILE A 20 -13.13 -14.55 8.26
C ILE A 20 -12.90 -16.01 8.65
N ASP A 21 -13.96 -16.80 8.58
CA ASP A 21 -13.88 -18.22 8.92
C ASP A 21 -14.20 -19.03 7.67
N GLN A 22 -13.24 -19.06 6.74
CA GLN A 22 -13.40 -19.75 5.48
C GLN A 22 -12.34 -20.82 5.33
N LYS A 23 -12.68 -21.89 4.62
CA LYS A 23 -11.69 -22.84 4.18
C LYS A 23 -10.86 -22.11 3.14
N SER A 24 -9.58 -21.89 3.43
CA SER A 24 -8.72 -21.15 2.52
C SER A 24 -7.31 -21.04 3.04
N GLN A 25 -6.35 -21.52 2.27
CA GLN A 25 -4.96 -21.31 2.60
C GLN A 25 -4.65 -19.82 2.47
N ILE A 26 -5.27 -19.17 1.48
CA ILE A 26 -4.96 -17.77 1.19
C ILE A 26 -5.45 -16.92 2.35
N ILE A 27 -6.69 -17.13 2.78
CA ILE A 27 -7.23 -16.32 3.85
C ILE A 27 -6.45 -16.54 5.12
N ALA A 28 -6.14 -17.79 5.46
CA ALA A 28 -5.42 -18.07 6.71
C ALA A 28 -4.01 -17.49 6.67
N SER A 29 -3.35 -17.60 5.53
CA SER A 29 -2.04 -17.02 5.34
C SER A 29 -2.07 -15.49 5.54
N THR A 30 -3.12 -14.87 5.02
CA THR A 30 -3.23 -13.41 5.07
C THR A 30 -3.58 -12.94 6.48
N GLN A 31 -4.35 -13.75 7.21
CA GLN A 31 -4.63 -13.45 8.61
C GLN A 31 -3.36 -13.47 9.41
N GLU A 32 -2.49 -14.45 9.15
CA GLU A 32 -1.20 -14.48 9.80
C GLU A 32 -0.30 -13.29 9.42
N ALA A 33 -0.28 -12.92 8.14
CA ALA A 33 0.55 -11.78 7.73
C ALA A 33 0.06 -10.48 8.42
N ILE A 34 -1.25 -10.37 8.56
CA ILE A 34 -1.84 -9.23 9.26
C ILE A 34 -1.38 -9.20 10.71
N ARG A 35 -1.47 -10.33 11.39
CA ARG A 35 -1.08 -10.36 12.80
C ARG A 35 0.37 -10.01 13.03
N LEU A 36 1.26 -10.46 12.15
CA LEU A 36 2.65 -10.12 12.31
C LEU A 36 2.93 -8.64 12.04
N THR A 37 2.41 -8.11 10.94
CA THR A 37 2.56 -6.68 10.66
C THR A 37 2.05 -5.83 11.83
N ARG A 38 0.89 -6.16 12.36
CA ARG A 38 0.33 -5.41 13.48
C ARG A 38 1.23 -5.55 14.73
N LYS A 39 1.80 -6.72 14.94
CA LYS A 39 2.71 -6.90 16.07
C LYS A 39 3.95 -6.01 15.93
N TYR A 40 4.56 -5.96 14.74
CA TYR A 40 5.67 -5.03 14.52
C TYR A 40 5.30 -3.59 14.90
N LEU A 41 4.15 -3.13 14.41
CA LEU A 41 3.74 -1.75 14.61
C LEU A 41 3.45 -1.45 16.08
N LEU A 42 2.59 -2.27 16.70
CA LEU A 42 2.14 -2.00 18.06
C LEU A 42 3.20 -2.31 19.12
N SER A 43 3.96 -3.40 18.92
CA SER A 43 4.92 -3.88 19.90
C SER A 43 6.34 -3.36 19.73
N GLU A 44 6.74 -3.02 18.50
CA GLU A 44 8.13 -2.62 18.26
C GLU A 44 8.30 -1.21 17.72
N ILE A 45 7.27 -0.69 17.05
CA ILE A 45 7.45 0.61 16.41
C ILE A 45 6.81 1.76 17.18
N PHE A 46 5.52 1.67 17.44
CA PHE A 46 4.82 2.75 18.12
C PHE A 46 5.28 2.89 19.56
N VAL A 47 5.94 1.88 20.08
CA VAL A 47 6.42 1.96 21.47
C VAL A 47 7.64 2.90 21.50
N ARG A 48 8.32 2.98 20.36
CA ARG A 48 9.57 3.72 20.30
C ARG A 48 9.46 5.09 19.64
N TRP A 49 8.58 5.22 18.66
CA TRP A 49 8.36 6.50 17.96
C TRP A 49 6.86 6.82 17.90
N SER A 50 6.51 8.09 17.92
CA SER A 50 5.10 8.48 17.78
C SER A 50 4.65 8.43 16.33
N PRO A 51 3.50 7.81 16.06
CA PRO A 51 2.99 7.81 14.68
C PRO A 51 2.19 9.09 14.34
N LEU A 52 2.06 10.01 15.28
CA LEU A 52 1.24 11.19 15.04
C LEU A 52 2.03 12.49 14.92
N ASN A 53 3.09 12.63 15.69
CA ASN A 53 3.64 13.98 15.90
C ASN A 53 4.70 14.40 14.89
N GLY A 54 5.01 13.49 13.96
CA GLY A 54 5.99 13.77 12.92
C GLY A 54 7.30 13.01 13.06
N GLU A 55 7.49 12.28 14.14
CA GLU A 55 8.71 11.48 14.29
C GLU A 55 8.74 10.45 13.18
N ILE A 56 7.56 10.00 12.80
CA ILE A 56 7.42 9.03 11.72
C ILE A 56 6.69 9.66 10.56
N SER A 57 7.24 9.56 9.35
CA SER A 57 6.48 9.87 8.16
C SER A 57 6.20 8.58 7.38
N PHE A 58 5.02 8.51 6.78
CA PHE A 58 4.62 7.34 6.00
C PHE A 58 4.94 7.62 4.52
N SER A 59 5.79 6.80 3.90
CA SER A 59 6.04 6.99 2.45
C SER A 59 4.94 6.30 1.65
N TYR A 60 4.21 7.10 0.91
CA TYR A 60 3.02 6.62 0.22
C TYR A 60 3.09 7.02 -1.26
N ASN A 61 2.86 6.07 -2.15
CA ASN A 61 2.87 6.36 -3.60
C ASN A 61 1.61 5.82 -4.29
N GLY A 62 0.60 5.46 -3.49
CA GLY A 62 -0.68 5.05 -4.04
C GLY A 62 -0.69 3.64 -4.60
N GLY A 63 0.45 2.95 -4.58
CA GLY A 63 0.48 1.57 -5.07
C GLY A 63 -0.22 0.59 -4.12
N LYS A 64 -0.47 -0.63 -4.58
CA LYS A 64 -1.21 -1.61 -3.79
C LYS A 64 -0.49 -1.91 -2.49
N ASP A 65 0.83 -2.03 -2.52
CA ASP A 65 1.58 -2.43 -1.34
C ASP A 65 1.52 -1.34 -0.26
N CYS A 66 1.82 -0.08 -0.62
CA CYS A 66 1.79 0.90 0.47
C CYS A 66 0.35 1.26 0.87
N GLN A 67 -0.61 1.06 -0.02
CA GLN A 67 -2.01 1.17 0.38
C GLN A 67 -2.44 0.09 1.39
N VAL A 68 -2.07 -1.17 1.15
CA VAL A 68 -2.38 -2.20 2.14
C VAL A 68 -1.74 -1.83 3.46
N LEU A 69 -0.46 -1.42 3.42
CA LEU A 69 0.23 -1.03 4.64
C LEU A 69 -0.43 0.14 5.33
N LEU A 70 -0.85 1.13 4.53
CA LEU A 70 -1.52 2.29 5.11
C LEU A 70 -2.82 1.89 5.81
N LEU A 71 -3.60 0.99 5.22
CA LEU A 71 -4.80 0.50 5.89
C LEU A 71 -4.43 -0.20 7.21
N LEU A 72 -3.42 -1.06 7.19
CA LEU A 72 -2.97 -1.73 8.43
C LEU A 72 -2.45 -0.75 9.48
N TYR A 73 -1.74 0.26 9.00
CA TYR A 73 -1.13 1.27 9.86
C TYR A 73 -2.22 2.06 10.56
N LEU A 74 -3.26 2.43 9.81
CA LEU A 74 -4.39 3.17 10.37
C LEU A 74 -5.14 2.32 11.37
N SER A 75 -5.31 1.04 11.04
CA SER A 75 -5.89 0.12 12.01
C SER A 75 -5.11 0.10 13.33
N CYS A 76 -3.79 0.03 13.23
CA CYS A 76 -2.94 0.05 14.43
C CYS A 76 -2.95 1.41 15.12
N LEU A 77 -3.14 2.47 14.35
CA LEU A 77 -3.21 3.80 14.95
C LEU A 77 -4.45 3.90 15.87
N TRP A 78 -5.55 3.32 15.42
CA TRP A 78 -6.76 3.29 16.23
C TRP A 78 -6.46 2.57 17.56
N GLU A 79 -5.92 1.36 17.45
CA GLU A 79 -5.58 0.58 18.67
C GLU A 79 -4.58 1.32 19.58
N TYR A 80 -3.61 2.01 18.97
CA TYR A 80 -2.56 2.72 19.70
C TYR A 80 -3.15 3.78 20.62
N PHE A 81 -4.17 4.44 20.14
CA PHE A 81 -4.81 5.47 20.92
C PHE A 81 -5.35 4.89 22.23
N PHE A 82 -5.96 3.72 22.16
CA PHE A 82 -6.56 3.13 23.36
C PHE A 82 -5.49 2.54 24.31
N ILE A 83 -4.48 1.92 23.74
CA ILE A 83 -3.35 1.43 24.52
C ILE A 83 -2.70 2.59 25.29
N LYS A 84 -2.49 3.72 24.63
CA LYS A 84 -1.79 4.81 25.33
C LYS A 84 -2.72 5.43 26.37
N ALA A 85 -4.01 5.54 26.08
CA ALA A 85 -4.96 5.98 27.10
C ALA A 85 -4.94 5.02 28.30
N GLN A 86 -4.90 3.73 28.01
CA GLN A 86 -4.93 2.72 29.08
C GLN A 86 -3.68 2.83 29.96
N ASN A 87 -2.57 3.28 29.39
CA ASN A 87 -1.30 3.32 30.11
C ASN A 87 -0.89 4.69 30.63
N SER A 88 -1.72 5.71 30.42
CA SER A 88 -1.30 7.06 30.82
C SER A 88 -1.67 7.34 32.26
N PHE A 97 -9.76 11.30 20.29
CA PHE A 97 -8.76 11.06 19.24
C PHE A 97 -8.33 12.41 18.67
N PRO A 98 -7.01 12.61 18.49
CA PRO A 98 -6.56 13.95 18.11
C PRO A 98 -7.07 14.35 16.73
N MET A 99 -7.41 15.63 16.57
CA MET A 99 -7.89 16.12 15.29
C MET A 99 -6.70 16.68 14.51
N GLN A 100 -6.17 15.86 13.60
CA GLN A 100 -4.98 16.18 12.84
C GLN A 100 -4.85 15.27 11.61
N ARG A 101 -3.80 15.50 10.83
CA ARG A 101 -3.54 14.68 9.63
C ARG A 101 -2.28 13.83 9.83
N LEU A 102 -2.18 12.73 9.08
CA LEU A 102 -1.08 11.77 9.22
C LEU A 102 0.10 12.19 8.35
N PRO A 103 1.27 12.39 8.95
CA PRO A 103 2.37 12.88 8.13
C PRO A 103 2.81 11.87 7.07
N THR A 104 2.90 12.32 5.82
CA THR A 104 3.03 11.41 4.70
C THR A 104 3.94 12.07 3.69
N VAL A 105 4.71 11.25 2.96
CA VAL A 105 5.62 11.79 1.96
C VAL A 105 5.42 11.06 0.66
N PHE A 106 5.25 11.83 -0.44
CA PHE A 106 5.08 11.27 -1.77
C PHE A 106 6.12 11.89 -2.67
N ILE A 107 6.96 11.07 -3.29
CA ILE A 107 7.92 11.63 -4.23
C ILE A 107 7.30 11.61 -5.61
N ASP A 108 6.96 12.79 -6.12
CA ASP A 108 6.38 12.92 -7.44
C ASP A 108 7.49 13.15 -8.46
N GLN A 109 7.42 12.45 -9.60
CA GLN A 109 8.47 12.51 -10.61
C GLN A 109 7.88 12.84 -11.98
N GLU A 110 8.73 13.19 -12.94
CA GLU A 110 8.23 13.58 -14.26
C GLU A 110 7.53 12.41 -14.93
N GLU A 111 8.01 11.21 -14.68
CA GLU A 111 7.44 10.02 -15.33
C GLU A 111 6.27 9.40 -14.54
N THR A 112 5.78 10.09 -13.53
CA THR A 112 4.70 9.54 -12.69
C THR A 112 3.39 9.53 -13.49
N PHE A 113 2.67 8.41 -13.50
CA PHE A 113 1.37 8.36 -14.20
C PHE A 113 0.41 9.36 -13.59
N PRO A 114 -0.28 10.16 -14.42
CA PRO A 114 -1.33 11.07 -13.90
C PRO A 114 -2.45 10.32 -13.15
N THR A 115 -2.78 9.12 -13.60
CA THR A 115 -3.81 8.34 -12.93
C THR A 115 -3.41 8.08 -11.48
N LEU A 116 -2.11 7.84 -11.26
CA LEU A 116 -1.58 7.53 -9.93
C LEU A 116 -1.50 8.81 -9.10
N GLU A 117 -1.01 9.89 -9.70
CA GLU A 117 -1.00 11.18 -9.00
C GLU A 117 -2.40 11.52 -8.50
N ASN A 118 -3.39 11.34 -9.35
CA ASN A 118 -4.77 11.66 -8.97
C ASN A 118 -5.26 10.77 -7.82
N PHE A 119 -4.91 9.48 -7.88
CA PHE A 119 -5.23 8.55 -6.82
C PHE A 119 -4.57 8.92 -5.49
N VAL A 120 -3.32 9.37 -5.54
CA VAL A 120 -2.63 9.78 -4.32
C VAL A 120 -3.35 10.95 -3.66
N LEU A 121 -3.71 11.93 -4.47
CA LEU A 121 -4.45 13.10 -3.96
C LEU A 121 -5.82 12.69 -3.38
N GLU A 122 -6.59 11.88 -4.10
CA GLU A 122 -7.89 11.47 -3.60
C GLU A 122 -7.77 10.66 -2.31
N THR A 123 -6.80 9.74 -2.25
CA THR A 123 -6.74 8.89 -1.08
C THR A 123 -6.09 9.66 0.08
N SER A 124 -5.29 10.68 -0.24
CA SER A 124 -4.78 11.56 0.82
C SER A 124 -5.96 12.24 1.53
N GLU A 125 -7.00 12.58 0.77
CA GLU A 125 -8.16 13.20 1.38
C GLU A 125 -9.03 12.17 2.11
N ARG A 126 -9.18 10.98 1.53
CA ARG A 126 -9.92 9.92 2.22
C ARG A 126 -9.28 9.55 3.58
N TYR A 127 -7.96 9.41 3.62
CA TYR A 127 -7.33 8.87 4.84
C TYR A 127 -6.75 10.01 5.70
N CYS A 128 -7.02 11.24 5.31
CA CYS A 128 -6.61 12.41 6.11
C CYS A 128 -5.10 12.42 6.30
N LEU A 129 -4.40 12.34 5.18
CA LEU A 129 -2.95 12.41 5.15
C LEU A 129 -2.51 13.85 4.99
N SER A 130 -1.47 14.22 5.70
CA SER A 130 -0.81 15.50 5.51
C SER A 130 0.33 15.25 4.54
N LEU A 131 0.12 15.60 3.30
CA LEU A 131 1.02 15.16 2.26
C LEU A 131 2.13 16.16 1.95
N TYR A 132 3.37 15.76 2.17
CA TYR A 132 4.48 16.42 1.51
C TYR A 132 4.61 15.77 0.15
N GLU A 133 4.54 16.57 -0.91
CA GLU A 133 4.82 16.08 -2.27
C GLU A 133 5.98 16.84 -2.92
N SER A 134 7.06 16.13 -3.22
CA SER A 134 8.19 16.72 -3.92
C SER A 134 7.73 17.34 -5.24
N GLN A 135 8.55 18.22 -5.79
CA GLN A 135 8.24 18.92 -7.04
C GLN A 135 8.78 18.08 -8.19
N ARG A 136 7.95 17.75 -9.18
CA ARG A 136 8.38 16.77 -10.19
C ARG A 136 9.58 17.26 -10.99
N VAL A 142 14.78 13.04 -8.68
CA VAL A 142 15.14 12.10 -9.73
C VAL A 142 15.62 10.78 -9.14
N ASN A 143 16.60 10.84 -8.26
CA ASN A 143 17.06 9.68 -7.51
C ASN A 143 16.38 9.71 -6.16
N MET A 144 15.86 8.58 -5.73
CA MET A 144 15.04 8.58 -4.54
C MET A 144 15.85 8.95 -3.29
N ALA A 145 17.09 8.46 -3.18
CA ALA A 145 17.97 8.86 -2.10
C ALA A 145 18.04 10.40 -1.96
N ASP A 146 18.12 11.11 -3.08
CA ASP A 146 18.28 12.57 -3.01
C ASP A 146 16.95 13.22 -2.65
N ALA A 147 15.87 12.71 -3.20
CA ALA A 147 14.54 13.18 -2.85
C ALA A 147 14.33 13.11 -1.33
N PHE A 148 14.76 12.01 -0.70
CA PHE A 148 14.57 11.90 0.74
C PHE A 148 15.59 12.74 1.49
N ARG A 149 16.76 12.95 0.91
CA ARG A 149 17.73 13.79 1.60
C ARG A 149 17.14 15.19 1.72
N ASP A 150 16.52 15.67 0.64
CA ASP A 150 15.91 17.01 0.65
C ASP A 150 14.77 17.05 1.67
N PHE A 151 13.98 15.97 1.73
CA PHE A 151 12.84 15.88 2.64
C PHE A 151 13.31 16.02 4.09
N ILE A 152 14.35 15.25 4.43
CA ILE A 152 14.91 15.22 5.79
C ILE A 152 15.53 16.55 6.14
N LYS A 153 16.02 17.28 5.14
CA LYS A 153 16.57 18.60 5.41
C LYS A 153 15.46 19.59 5.80
N ILE A 154 14.30 19.47 5.16
CA ILE A 154 13.15 20.31 5.45
C ILE A 154 12.52 19.90 6.80
N TYR A 155 12.53 18.60 7.07
CA TYR A 155 11.90 18.05 8.27
C TYR A 155 12.90 17.23 9.10
N PRO A 156 13.85 17.90 9.73
CA PRO A 156 14.92 17.18 10.43
C PRO A 156 14.41 16.37 11.64
N GLU A 157 13.23 16.70 12.16
CA GLU A 157 12.64 15.95 13.25
C GLU A 157 12.28 14.51 12.82
N THR A 158 12.28 14.23 11.53
CA THR A 158 11.88 12.92 11.03
C THR A 158 12.88 11.88 11.51
N GLU A 159 12.43 10.91 12.30
CA GLU A 159 13.33 9.88 12.82
C GLU A 159 13.19 8.54 12.07
N ALA A 160 12.05 8.35 11.44
CA ALA A 160 11.75 7.03 10.82
C ALA A 160 10.73 7.23 9.70
N ILE A 161 10.79 6.37 8.69
CA ILE A 161 9.88 6.41 7.58
C ILE A 161 9.33 5.01 7.30
N VAL A 162 8.01 4.92 7.18
CA VAL A 162 7.33 3.67 6.92
C VAL A 162 7.37 3.42 5.40
N ILE A 163 7.71 2.21 5.00
CA ILE A 163 7.99 1.87 3.60
C ILE A 163 7.28 0.55 3.30
N GLY A 164 6.46 0.51 2.25
CA GLY A 164 5.65 -0.67 1.96
C GLY A 164 6.39 -1.72 1.12
N ILE A 165 7.69 -1.82 1.32
CA ILE A 165 8.52 -2.73 0.54
C ILE A 165 8.21 -4.18 0.92
N ARG A 166 8.26 -5.09 -0.04
CA ARG A 166 8.32 -6.49 0.34
C ARG A 166 9.08 -7.29 -0.71
N HIS A 167 9.14 -8.61 -0.57
CA HIS A 167 9.87 -9.43 -1.53
C HIS A 167 9.00 -9.66 -2.77
N THR A 168 9.49 -9.17 -3.90
CA THR A 168 8.76 -9.30 -5.15
C THR A 168 9.62 -9.91 -6.24
N ASP A 169 10.75 -10.47 -5.83
CA ASP A 169 11.50 -11.44 -6.62
C ASP A 169 12.29 -12.27 -5.62
N PRO A 170 12.79 -13.45 -6.03
CA PRO A 170 13.35 -14.35 -5.01
C PRO A 170 14.75 -13.96 -4.56
N PHE A 171 15.34 -12.96 -5.20
CA PHE A 171 16.72 -12.56 -4.92
C PHE A 171 16.94 -11.99 -3.51
N GLY A 172 18.07 -12.38 -2.92
CA GLY A 172 18.48 -11.88 -1.61
C GLY A 172 18.53 -10.36 -1.52
N GLU A 173 17.94 -9.82 -0.48
CA GLU A 173 17.86 -8.37 -0.30
C GLU A 173 18.37 -7.95 1.07
N ALA A 174 18.20 -8.81 2.07
CA ALA A 174 18.65 -8.52 3.42
C ALA A 174 17.89 -7.31 3.98
N LEU A 175 16.58 -7.43 4.03
CA LEU A 175 15.73 -6.38 4.58
C LEU A 175 15.27 -6.87 5.94
N LYS A 176 15.11 -5.93 6.87
CA LYS A 176 14.58 -6.22 8.20
C LYS A 176 13.40 -5.27 8.48
N PRO A 177 12.49 -5.67 9.37
CA PRO A 177 11.34 -4.82 9.74
C PRO A 177 11.76 -3.49 10.36
N ILE A 178 12.82 -3.48 11.16
CA ILE A 178 13.33 -2.19 11.65
C ILE A 178 14.80 -2.14 11.30
N GLN A 179 15.20 -1.17 10.48
CA GLN A 179 16.52 -1.21 9.86
C GLN A 179 17.02 0.20 9.53
N ARG A 180 18.26 0.49 9.88
CA ARG A 180 18.90 1.75 9.49
C ARG A 180 19.05 1.84 7.99
N THR A 181 19.04 3.05 7.45
CA THR A 181 19.34 3.22 6.03
C THR A 181 20.81 2.92 5.83
N ASP A 182 21.20 2.65 4.57
CA ASP A 182 22.60 2.41 4.23
C ASP A 182 23.29 3.77 4.11
N SER A 183 24.60 3.76 3.85
CA SER A 183 25.40 4.99 3.95
C SER A 183 25.24 5.85 2.71
N ASN A 184 24.78 5.23 1.64
CA ASN A 184 24.29 5.92 0.47
C ASN A 184 23.18 6.92 0.82
N TRP A 185 22.34 6.54 1.76
CA TRP A 185 21.11 7.29 2.06
C TRP A 185 21.31 8.22 3.26
N PRO A 186 20.39 9.19 3.43
CA PRO A 186 20.42 9.99 4.65
C PRO A 186 20.06 9.12 5.85
N ASP A 187 20.47 9.49 7.06
CA ASP A 187 20.21 8.65 8.23
C ASP A 187 18.78 8.80 8.74
N PHE A 188 18.00 7.73 8.63
CA PHE A 188 16.73 7.61 9.37
C PHE A 188 16.44 6.12 9.48
N MET A 189 15.46 5.76 10.28
CA MET A 189 15.16 4.34 10.46
C MET A 189 14.13 3.93 9.43
N ARG A 190 14.43 2.85 8.71
CA ARG A 190 13.44 2.25 7.81
C ARG A 190 12.51 1.34 8.62
N LEU A 191 11.21 1.56 8.44
CA LEU A 191 10.18 0.77 9.07
C LEU A 191 9.48 0.01 7.94
N GLN A 192 9.63 -1.31 7.93
CA GLN A 192 9.29 -2.14 6.78
C GLN A 192 8.47 -3.35 7.28
N PRO A 193 7.27 -3.08 7.81
CA PRO A 193 6.49 -4.13 8.44
C PRO A 193 5.67 -4.99 7.47
N LEU A 194 5.71 -4.70 6.18
CA LEU A 194 5.03 -5.51 5.16
C LEU A 194 5.94 -6.55 4.53
N LEU A 195 7.15 -6.69 5.05
CA LEU A 195 8.17 -7.45 4.33
C LEU A 195 7.79 -8.91 4.03
N HIS A 196 6.98 -9.54 4.87
CA HIS A 196 6.66 -10.96 4.67
C HIS A 196 5.35 -11.19 3.91
N TRP A 197 4.75 -10.13 3.39
CA TRP A 197 3.53 -10.29 2.59
C TRP A 197 3.83 -10.82 1.19
N ASP A 198 3.06 -11.79 0.73
CA ASP A 198 3.19 -12.18 -0.66
C ASP A 198 2.05 -11.64 -1.49
N LEU A 199 2.13 -11.85 -2.80
CA LEU A 199 1.22 -11.20 -3.73
C LEU A 199 -0.23 -11.64 -3.47
N THR A 200 -0.43 -12.90 -3.13
CA THR A 200 -1.79 -13.36 -2.86
C THR A 200 -2.36 -12.69 -1.61
N ASN A 201 -1.53 -12.46 -0.60
CA ASN A 201 -2.00 -11.79 0.61
C ASN A 201 -2.42 -10.36 0.27
N ILE A 202 -1.65 -9.71 -0.59
CA ILE A 202 -1.91 -8.31 -0.91
C ILE A 202 -3.30 -8.20 -1.58
N TRP A 203 -3.54 -9.00 -2.63
CA TRP A 203 -4.82 -8.90 -3.33
C TRP A 203 -5.99 -9.34 -2.44
N SER A 204 -5.79 -10.42 -1.68
CA SER A 204 -6.89 -10.93 -0.87
C SER A 204 -7.33 -9.85 0.11
N PHE A 205 -6.39 -9.21 0.79
CA PHE A 205 -6.75 -8.17 1.75
C PHE A 205 -7.30 -6.92 1.06
N LEU A 206 -6.65 -6.47 -0.01
CA LEU A 206 -7.04 -5.20 -0.62
C LEU A 206 -8.43 -5.31 -1.28
N LEU A 207 -8.73 -6.45 -1.90
CA LEU A 207 -10.06 -6.66 -2.49
C LEU A 207 -11.11 -6.82 -1.41
N TYR A 208 -10.81 -7.61 -0.38
CA TYR A 208 -11.73 -7.68 0.77
C TYR A 208 -12.06 -6.31 1.39
N SER A 209 -11.10 -5.39 1.41
CA SER A 209 -11.31 -4.11 2.11
C SER A 209 -12.40 -3.28 1.46
N ASN A 210 -12.60 -3.52 0.16
CA ASN A 210 -13.49 -2.73 -0.69
C ASN A 210 -13.04 -1.29 -0.84
N GLU A 211 -11.84 -0.98 -0.37
CA GLU A 211 -11.29 0.38 -0.54
C GLU A 211 -10.95 0.64 -2.02
N PRO A 212 -10.96 1.91 -2.43
CA PRO A 212 -10.67 2.18 -3.84
C PRO A 212 -9.20 1.88 -4.11
N ILE A 213 -8.89 1.32 -5.27
CA ILE A 213 -7.52 0.98 -5.59
C ILE A 213 -7.13 1.61 -6.93
N CYS A 214 -5.85 1.84 -7.13
CA CYS A 214 -5.42 2.57 -8.29
C CYS A 214 -5.98 1.91 -9.54
N GLY A 215 -6.60 2.71 -10.42
CA GLY A 215 -7.26 2.15 -11.58
C GLY A 215 -6.30 1.44 -12.53
N LEU A 216 -5.01 1.77 -12.49
CA LEU A 216 -4.05 1.05 -13.34
C LEU A 216 -4.13 -0.47 -13.14
N TYR A 217 -4.39 -0.93 -11.91
CA TYR A 217 -4.48 -2.39 -11.68
C TYR A 217 -5.65 -3.01 -12.47
N GLY A 218 -6.73 -2.24 -12.61
CA GLY A 218 -7.85 -2.69 -13.42
C GLY A 218 -7.47 -2.90 -14.89
N LYS A 219 -6.42 -2.24 -15.36
CA LYS A 219 -5.98 -2.37 -16.75
C LYS A 219 -4.87 -3.42 -16.97
N GLY A 220 -4.55 -4.20 -15.93
CA GLY A 220 -3.55 -5.26 -16.10
C GLY A 220 -2.19 -4.99 -15.51
N PHE A 221 -1.97 -3.80 -14.93
CA PHE A 221 -0.74 -3.59 -14.19
C PHE A 221 -0.72 -4.50 -12.97
N THR A 222 0.46 -5.04 -12.65
CA THR A 222 0.65 -5.75 -11.38
C THR A 222 1.72 -5.07 -10.53
N SER A 223 2.36 -4.08 -11.13
CA SER A 223 3.42 -3.34 -10.46
C SER A 223 3.42 -1.99 -11.15
N ILE A 224 3.46 -0.90 -10.40
CA ILE A 224 3.41 0.41 -11.03
C ILE A 224 4.74 1.14 -10.85
N GLY A 225 5.35 1.49 -11.98
CA GLY A 225 6.55 2.29 -11.99
C GLY A 225 6.19 3.63 -12.61
N GLY A 226 6.98 4.08 -13.57
CA GLY A 226 6.70 5.30 -14.28
C GLY A 226 6.19 5.03 -15.69
N ILE A 227 5.85 6.10 -16.39
CA ILE A 227 5.21 5.99 -17.70
C ILE A 227 6.11 5.21 -18.65
N ASN A 228 7.42 5.31 -18.44
CA ASN A 228 8.36 4.75 -19.39
C ASN A 228 8.93 3.40 -18.97
N ASN A 229 8.75 3.00 -17.71
CA ASN A 229 9.37 1.77 -17.23
C ASN A 229 8.39 0.72 -16.70
N SER A 230 7.10 0.85 -17.04
CA SER A 230 6.10 -0.13 -16.58
C SER A 230 4.88 -0.21 -17.49
N LEU A 231 4.38 -1.42 -17.69
CA LEU A 231 3.26 -1.71 -18.57
C LEU A 231 2.38 -2.72 -17.92
N PRO A 232 1.21 -2.98 -18.53
CA PRO A 232 0.37 -4.10 -18.10
C PRO A 232 1.16 -5.40 -18.17
N ASN A 233 0.82 -6.37 -17.34
CA ASN A 233 1.66 -7.54 -17.23
C ASN A 233 1.44 -8.47 -18.45
N PRO A 234 2.53 -8.79 -19.19
CA PRO A 234 2.35 -9.59 -20.41
C PRO A 234 1.73 -10.95 -20.14
N HIS A 235 1.87 -11.44 -18.91
CA HIS A 235 1.25 -12.69 -18.51
C HIS A 235 -0.26 -12.57 -18.27
N LEU A 236 -0.79 -11.34 -18.34
CA LEU A 236 -2.23 -11.13 -18.24
C LEU A 236 -2.88 -10.82 -19.59
N ARG A 237 -2.09 -10.85 -20.67
CA ARG A 237 -2.63 -10.68 -22.01
C ARG A 237 -3.67 -11.77 -22.27
N LYS A 238 -4.89 -11.38 -22.62
CA LYS A 238 -6.00 -12.33 -22.63
C LYS A 238 -5.91 -13.40 -23.72
N ASP A 239 -5.44 -13.03 -24.90
CA ASP A 239 -5.44 -13.97 -26.01
C ASP A 239 -4.36 -15.03 -25.88
N SER A 240 -3.55 -14.96 -24.82
CA SER A 240 -2.45 -15.91 -24.64
C SER A 240 -2.31 -16.40 -23.20
N ASN A 241 -3.28 -16.06 -22.34
CA ASN A 241 -3.30 -16.55 -20.97
C ASN A 241 -4.74 -16.65 -20.48
N ASN A 242 -5.02 -17.61 -19.60
CA ASN A 242 -6.37 -17.76 -19.04
C ASN A 242 -6.30 -18.07 -17.54
N PRO A 243 -5.86 -17.09 -16.74
CA PRO A 243 -5.72 -17.37 -15.31
C PRO A 243 -7.06 -17.44 -14.58
N ALA A 244 -7.13 -18.30 -13.57
CA ALA A 244 -8.32 -18.39 -12.73
C ALA A 244 -8.37 -17.20 -11.75
N LEU A 245 -9.56 -16.83 -11.34
CA LEU A 245 -9.70 -15.85 -10.26
C LEU A 245 -9.62 -16.57 -8.93
N HIS A 246 -8.72 -16.11 -8.06
CA HIS A 246 -8.53 -16.78 -6.77
C HIS A 246 -9.15 -16.02 -5.63
N PHE A 247 -9.77 -14.88 -5.91
CA PHE A 247 -10.24 -13.98 -4.85
C PHE A 247 -11.73 -13.71 -4.95
N GLU A 248 -12.44 -14.62 -5.60
CA GLU A 248 -13.88 -14.43 -5.75
C GLU A 248 -14.61 -14.23 -4.40
N TRP A 249 -14.26 -15.00 -3.37
CA TRP A 249 -14.98 -14.90 -2.07
C TRP A 249 -14.76 -13.51 -1.45
N GLU A 250 -13.51 -13.05 -1.48
CA GLU A 250 -13.17 -11.75 -0.92
C GLU A 250 -13.92 -10.66 -1.64
N ILE A 251 -14.02 -10.78 -2.97
CA ILE A 251 -14.70 -9.78 -3.76
C ILE A 251 -16.19 -9.77 -3.41
N ILE A 252 -16.81 -10.96 -3.41
CA ILE A 252 -18.27 -11.05 -3.23
C ILE A 252 -18.67 -10.61 -1.84
N HIS A 253 -17.82 -10.91 -0.86
CA HIS A 253 -18.17 -10.66 0.53
C HIS A 253 -17.38 -9.48 1.11
N ALA A 254 -16.86 -8.62 0.24
CA ALA A 254 -16.05 -7.47 0.65
C ALA A 254 -16.70 -6.65 1.77
N PHE A 255 -15.88 -6.13 2.67
CA PHE A 255 -16.34 -5.28 3.77
C PHE A 255 -17.34 -4.20 3.34
N GLY A 256 -18.51 -4.19 3.99
CA GLY A 256 -19.49 -3.12 3.79
C GLY A 256 -20.26 -3.19 2.48
N LYS A 257 -19.80 -4.04 1.57
CA LYS A 257 -20.52 -4.33 0.34
C LYS A 257 -21.70 -5.14 0.86
N ASP A 258 -21.38 -6.01 1.81
CA ASP A 258 -22.30 -6.90 2.48
C ASP A 258 -21.44 -7.98 3.12
N ARG A 263 -23.15 -3.71 -5.49
CA ARG A 263 -23.09 -4.80 -6.46
C ARG A 263 -21.92 -5.72 -6.13
N SER A 264 -22.25 -6.97 -5.81
CA SER A 264 -21.27 -7.88 -5.21
C SER A 264 -19.98 -8.03 -5.99
N SER A 265 -20.06 -8.04 -7.32
CA SER A 265 -18.87 -8.34 -8.13
C SER A 265 -18.13 -7.09 -8.62
N ALA A 266 -18.53 -5.91 -8.16
CA ALA A 266 -17.85 -4.70 -8.58
C ALA A 266 -16.57 -4.52 -7.78
N ILE A 267 -15.55 -3.98 -8.43
CA ILE A 267 -14.28 -3.75 -7.76
C ILE A 267 -14.04 -2.26 -7.85
N ASN A 268 -13.77 -1.67 -6.69
CA ASN A 268 -13.64 -0.26 -6.53
C ASN A 268 -12.34 0.31 -7.14
N THR A 269 -12.26 0.41 -8.47
CA THR A 269 -11.07 0.99 -9.10
C THR A 269 -11.20 2.49 -9.34
N SER A 270 -10.10 3.23 -9.15
CA SER A 270 -10.10 4.67 -9.36
C SER A 270 -10.10 4.99 -10.85
N PRO A 271 -10.53 6.20 -11.20
CA PRO A 271 -10.64 6.62 -12.62
C PRO A 271 -9.29 6.76 -13.34
N ILE A 272 -9.23 6.30 -14.59
CA ILE A 272 -8.05 6.47 -15.42
C ILE A 272 -8.05 7.87 -16.04
N SER A 273 -6.94 8.57 -15.97
CA SER A 273 -6.88 9.94 -16.49
C SER A 273 -6.98 9.84 -18.01
N VAL A 274 -7.53 10.86 -18.67
CA VAL A 274 -7.68 10.77 -20.12
C VAL A 274 -6.32 10.56 -20.75
N VAL A 275 -5.30 11.30 -20.31
CA VAL A 275 -3.98 11.09 -20.90
C VAL A 275 -3.56 9.62 -20.82
N ASP A 276 -3.83 8.97 -19.69
CA ASP A 276 -3.42 7.56 -19.58
C ASP A 276 -4.28 6.66 -20.46
N LYS A 277 -5.54 7.04 -20.66
CA LYS A 277 -6.42 6.30 -21.54
C LYS A 277 -5.88 6.29 -22.98
N GLU A 278 -5.29 7.42 -23.40
CA GLU A 278 -4.66 7.52 -24.73
C GLU A 278 -3.48 6.58 -24.78
N ARG A 279 -2.64 6.72 -23.77
CA ARG A 279 -1.39 5.98 -23.64
C ARG A 279 -1.64 4.47 -23.64
N PHE A 280 -2.81 4.07 -23.14
CA PHE A 280 -3.15 2.65 -23.04
C PHE A 280 -4.03 2.16 -24.19
N SER A 281 -4.39 3.03 -25.13
CA SER A 281 -5.24 2.58 -26.23
C SER A 281 -4.52 1.50 -27.05
N LYS A 282 -3.20 1.66 -27.21
CA LYS A 282 -2.39 0.67 -27.94
C LYS A 282 -2.47 -0.73 -27.32
N TYR A 283 -2.67 -0.81 -26.01
CA TYR A 283 -2.89 -2.09 -25.37
C TYR A 283 -4.23 -2.65 -25.79
N ASN A 286 -6.91 -5.68 -23.78
CA ASN A 286 -6.50 -7.06 -23.97
C ASN A 286 -5.83 -7.67 -22.74
N TYR A 287 -6.07 -7.11 -21.55
CA TYR A 287 -5.43 -7.61 -20.33
C TYR A 287 -6.41 -7.86 -19.18
N TYR A 288 -6.26 -9.01 -18.53
CA TYR A 288 -6.91 -9.28 -17.27
C TYR A 288 -6.40 -8.30 -16.20
N PRO A 289 -7.25 -7.95 -15.25
CA PRO A 289 -6.85 -7.12 -14.12
C PRO A 289 -5.69 -7.74 -13.35
N GLY A 290 -4.92 -6.90 -12.66
CA GLY A 290 -3.74 -7.35 -11.94
C GLY A 290 -4.00 -8.47 -10.96
N TRP A 291 -5.19 -8.48 -10.37
CA TRP A 291 -5.49 -9.44 -9.30
C TRP A 291 -5.73 -10.85 -9.88
N TYR A 292 -5.56 -10.98 -11.18
CA TYR A 292 -5.49 -12.31 -11.82
C TYR A 292 -4.07 -12.86 -11.82
N LEU A 293 -3.10 -12.06 -11.37
CA LEU A 293 -1.77 -12.61 -11.17
C LEU A 293 -1.50 -12.95 -9.70
N VAL A 294 -1.10 -14.19 -9.43
CA VAL A 294 -0.75 -14.59 -8.06
C VAL A 294 0.68 -15.09 -7.96
N ASP A 295 1.35 -15.24 -9.10
CA ASP A 295 2.67 -15.82 -9.14
C ASP A 295 3.66 -14.72 -8.85
N ASP A 296 4.23 -14.73 -7.64
CA ASP A 296 5.07 -13.61 -7.21
C ASP A 296 6.26 -13.43 -8.14
N THR A 297 6.68 -14.52 -8.79
CA THR A 297 7.89 -14.45 -9.61
C THR A 297 7.65 -13.53 -10.79
N LEU A 298 6.37 -13.37 -11.15
CA LEU A 298 6.01 -12.68 -12.38
C LEU A 298 5.49 -11.25 -12.13
N GLU A 299 5.53 -10.82 -10.87
CA GLU A 299 4.91 -9.55 -10.45
C GLU A 299 5.49 -8.36 -11.19
N ARG A 300 6.79 -8.36 -11.43
CA ARG A 300 7.42 -7.21 -12.04
C ARG A 300 7.65 -7.41 -13.55
N ALA A 301 6.92 -8.34 -14.14
CA ALA A 301 7.17 -8.70 -15.54
C ALA A 301 6.86 -7.56 -16.52
N GLY A 302 5.94 -6.68 -16.15
CA GLY A 302 5.68 -5.49 -16.94
C GLY A 302 6.66 -4.32 -16.71
N ARG A 303 7.67 -4.53 -15.86
CA ARG A 303 8.67 -3.50 -15.56
C ARG A 303 9.99 -3.65 -16.35
N ILE A 304 10.85 -2.64 -16.24
CA ILE A 304 12.19 -2.60 -16.85
C ILE A 304 12.10 -2.21 -18.31
S SO4 B . 3.23 -1.75 -6.64
O1 SO4 B . 4.49 -1.36 -7.26
O2 SO4 B . 2.79 -0.66 -5.79
O3 SO4 B . 2.25 -2.00 -7.70
O4 SO4 B . 3.45 -2.90 -5.78
PA FAD C . 9.29 0.48 -4.75
O1A FAD C . 8.56 0.53 -6.08
O2A FAD C . 10.46 1.42 -4.74
O5B FAD C . 8.31 0.72 -3.48
C5B FAD C . 8.77 0.32 -2.20
C4B FAD C . 8.18 1.28 -1.16
O4B FAD C . 8.88 2.50 -1.18
C3B FAD C . 6.74 1.63 -1.47
O3B FAD C . 5.84 0.71 -0.88
C2B FAD C . 6.61 3.01 -0.85
O2B FAD C . 6.35 2.92 0.53
C1B FAD C . 7.98 3.59 -1.06
N9A FAD C . 7.99 4.35 -2.31
C8A FAD C . 8.36 3.94 -3.56
N7A FAD C . 8.22 4.98 -4.43
C5A FAD C . 7.74 6.04 -3.73
C6A FAD C . 7.40 7.33 -4.09
N6A FAD C . 7.52 7.78 -5.35
N1A FAD C . 6.96 8.17 -3.11
C2A FAD C . 6.83 7.78 -1.79
N3A FAD C . 7.14 6.49 -1.45
C4A FAD C . 7.61 5.65 -2.40
N1 FAD C . 17.78 1.18 -0.67
C2 FAD C . 19.01 0.88 -0.16
O2 FAD C . 19.78 0.15 -0.78
N3 FAD C . 19.40 1.42 1.05
C4 FAD C . 18.56 2.25 1.75
O4 FAD C . 18.98 2.68 2.83
C4X FAD C . 17.30 2.56 1.23
N5 FAD C . 16.42 3.39 1.91
C5X FAD C . 15.17 3.67 1.39
C6 FAD C . 14.28 4.51 2.06
C7 FAD C . 13.04 4.81 1.48
C7M FAD C . 12.06 5.71 2.18
C8 FAD C . 12.69 4.24 0.27
C8M FAD C . 11.35 4.52 -0.34
C9 FAD C . 13.57 3.40 -0.38
C9A FAD C . 14.81 3.13 0.16
N10 FAD C . 15.68 2.30 -0.53
C10 FAD C . 16.92 2.00 0.02
C1' FAD C . 15.26 1.69 -1.84
C2' FAD C . 14.54 0.36 -1.60
O2' FAD C . 15.24 -0.54 -0.78
C3' FAD C . 14.18 -0.36 -2.90
O3' FAD C . 15.35 -0.87 -3.48
C4' FAD C . 13.49 0.58 -3.88
O4' FAD C . 12.45 1.28 -3.21
C5' FAD C . 12.86 -0.21 -5.03
O5' FAD C . 12.22 -1.37 -4.51
P FAD C . 10.80 -1.85 -5.09
O1P FAD C . 10.75 -1.61 -6.57
O2P FAD C . 10.53 -3.29 -4.66
O3P FAD C . 9.65 -1.01 -4.37
HN3 FAD C . 20.34 1.18 1.44
HM71 FAD C . 11.81 5.30 3.15
HM72 FAD C . 12.51 6.70 2.31
HM73 FAD C . 11.16 5.80 1.57
HM81 FAD C . 10.57 4.20 0.33
HM82 FAD C . 11.25 5.59 -0.53
HM83 FAD C . 11.26 3.99 -1.29
H9 FAD C . 13.30 2.97 -1.35
#